data_6R32
#
_entry.id   6R32
#
_cell.length_a   95.808
_cell.length_b   64.265
_cell.length_c   87.726
_cell.angle_alpha   90.00
_cell.angle_beta   90.00
_cell.angle_gamma   90.00
#
_symmetry.space_group_name_H-M   'P 21 21 2'
#
loop_
_entity.id
_entity.type
_entity.pdbx_description
1 polymer 'Ferulic acid decarboxylase 1'
2 non-polymer 'MANGANESE (II) ION'
3 non-polymer 'POTASSIUM ION'
4 non-polymer 'prFMN cofactor and phenylpropiolic acid'
5 water water
#
_entity_poly.entity_id   1
_entity_poly.type   'polypeptide(L)'
_entity_poly.pdbx_seq_one_letter_code
;MSAQPAHLCFRSFVEALKVDNDLVEINTPIDPNLEAAAITRRVCETNDKAPLFNNLIGMKNGLFRILGAPGSLRKSSADR
YGRLARHLALPPTASMREILDKMLSASDMPPIPPTIVPTGPCKENSLDDSEFDLTELPVPLIHKSDGGKYIQTYGMHIVQ
SPDGTWTNWSIARAMVHDKNHLTGLVIPPQHIWQIHQMWKKEGRSDVPWALAFGVPPAAIMASSMPIPDGVTEAGYVGAM
TGSSLELVKCDTNDLYVPATSEIVLEGTLSISETGPEGPFGEMHGYIFPGDTHLGAKYKVNRITYRNNAIMPMSSCGRLT
DETHTMIGSLAAAEIRKLCQQNDLPITDAFAPFESQVTWVALRVDTEKLRAMKTTSEGFRKRVGDVVFNHKAGYTIHRLV
LVGDDIDVYEGKDVLWAFSTRCRPGMDETLFEDVRGFPLIPYMGHGNGPAHRGGKVVSDALMPTEYTTGRNWEAADFNQS
YPEDLKQKVLDNWTKMGFSNLEHHHHHH
;
_entity_poly.pdbx_strand_id   A
#
loop_
_chem_comp.id
_chem_comp.type
_chem_comp.name
_chem_comp.formula
JQZ non-polymer 'prFMN cofactor and phenylpropiolic acid' 'C31 H36 N4 O11 P'
K non-polymer 'POTASSIUM ION' 'K 1'
MN non-polymer 'MANGANESE (II) ION' 'Mn 2'
#
# COMPACT_ATOMS: atom_id res chain seq x y z
N GLN A 4 10.66 12.71 -18.96
CA GLN A 4 10.68 11.33 -18.40
C GLN A 4 9.27 10.86 -18.15
N PRO A 5 8.98 9.56 -18.42
CA PRO A 5 7.62 9.01 -18.27
C PRO A 5 7.10 9.17 -16.82
N ALA A 6 5.80 9.36 -16.71
CA ALA A 6 5.16 9.56 -15.38
C ALA A 6 5.42 8.41 -14.41
N HIS A 7 5.43 7.16 -14.90
CA HIS A 7 5.64 6.05 -14.01
C HIS A 7 7.10 5.91 -13.53
N LEU A 8 8.00 6.59 -14.20
CA LEU A 8 9.47 6.50 -13.93
C LEU A 8 10.01 7.77 -13.27
N CYS A 9 9.18 8.77 -13.02
CA CYS A 9 9.65 10.05 -12.53
C CYS A 9 8.54 10.76 -11.76
N PHE A 10 8.72 11.00 -10.47
CA PHE A 10 7.67 11.63 -9.65
C PHE A 10 7.29 12.99 -10.19
N ARG A 11 8.27 13.77 -10.65
CA ARG A 11 7.95 15.11 -11.11
C ARG A 11 7.01 15.00 -12.32
N SER A 12 7.24 14.02 -13.20
CA SER A 12 6.41 13.80 -14.34
C SER A 12 5.03 13.29 -13.94
N PHE A 13 4.96 12.48 -12.87
CA PHE A 13 3.68 12.01 -12.29
C PHE A 13 2.82 13.18 -11.84
N VAL A 14 3.44 14.13 -11.15
CA VAL A 14 2.68 15.33 -10.72
C VAL A 14 2.06 16.03 -11.95
N GLU A 15 2.85 16.20 -13.02
N GLU A 15 2.86 16.16 -13.02
CA GLU A 15 2.34 16.84 -14.27
CA GLU A 15 2.40 16.82 -14.20
C GLU A 15 1.19 15.99 -14.83
C GLU A 15 1.28 16.00 -14.86
N ALA A 16 1.34 14.67 -14.73
CA ALA A 16 0.30 13.81 -15.25
C ALA A 16 -1.03 14.07 -14.49
N LEU A 17 -0.97 14.15 -13.16
CA LEU A 17 -2.19 14.43 -12.42
C LEU A 17 -2.78 15.77 -12.85
N LYS A 18 -1.96 16.79 -13.09
N LYS A 18 -1.91 16.74 -13.16
CA LYS A 18 -2.48 18.06 -13.58
CA LYS A 18 -2.35 18.03 -13.63
C LYS A 18 -3.19 17.85 -14.92
C LYS A 18 -3.13 17.92 -14.95
N VAL A 19 -2.48 17.20 -15.84
N VAL A 19 -2.60 17.17 -15.91
CA VAL A 19 -3.05 16.96 -17.16
CA VAL A 19 -3.27 17.15 -17.19
C VAL A 19 -4.41 16.25 -17.05
C VAL A 19 -4.46 16.17 -17.14
N ASP A 20 -4.51 15.30 -16.10
CA ASP A 20 -5.73 14.53 -15.91
C ASP A 20 -6.86 15.33 -15.23
N ASN A 21 -6.61 16.60 -14.93
CA ASN A 21 -7.58 17.41 -14.16
C ASN A 21 -7.85 16.70 -12.81
N ASP A 22 -6.76 16.23 -12.18
CA ASP A 22 -6.80 15.46 -10.94
C ASP A 22 -5.89 16.05 -9.86
N LEU A 23 -5.57 17.35 -10.03
N LEU A 23 -5.68 17.38 -9.93
CA LEU A 23 -4.67 18.09 -9.14
CA LEU A 23 -4.76 18.00 -9.02
C LEU A 23 -5.30 19.44 -8.80
C LEU A 23 -5.13 19.49 -8.83
N VAL A 24 -5.12 19.87 -7.56
CA VAL A 24 -5.42 21.24 -7.16
C VAL A 24 -4.12 21.82 -6.62
N GLU A 25 -3.62 22.85 -7.30
CA GLU A 25 -2.45 23.56 -6.84
C GLU A 25 -2.90 24.69 -5.91
N ILE A 26 -2.29 24.71 -4.72
N ILE A 26 -2.38 24.65 -4.68
CA ILE A 26 -2.60 25.69 -3.66
CA ILE A 26 -2.59 25.68 -3.66
C ILE A 26 -1.36 26.53 -3.46
C ILE A 26 -1.31 26.48 -3.58
N ASN A 27 -1.40 27.75 -3.99
CA ASN A 27 -0.20 28.63 -4.06
C ASN A 27 -0.14 29.68 -2.95
N THR A 28 -1.19 29.73 -2.13
CA THR A 28 -1.22 30.56 -0.92
C THR A 28 -0.62 29.79 0.24
N PRO A 29 -0.21 30.50 1.31
CA PRO A 29 0.47 29.77 2.40
C PRO A 29 -0.42 28.78 3.13
N ILE A 30 0.12 27.57 3.30
CA ILE A 30 -0.55 26.47 4.00
C ILE A 30 0.36 26.00 5.12
N ASP A 31 -0.21 25.75 6.30
CA ASP A 31 0.58 25.36 7.45
C ASP A 31 0.85 23.86 7.42
N PRO A 32 2.10 23.40 7.51
CA PRO A 32 2.35 21.97 7.69
C PRO A 32 1.90 21.46 9.05
N ASN A 33 1.68 22.37 10.01
CA ASN A 33 1.09 21.95 11.29
C ASN A 33 -0.42 21.77 11.08
N LEU A 34 -0.80 20.53 10.78
CA LEU A 34 -2.20 20.04 10.59
C LEU A 34 -2.94 20.51 9.35
N GLU A 35 -2.73 21.73 8.86
CA GLU A 35 -3.61 22.22 7.80
C GLU A 35 -3.45 21.42 6.50
N ALA A 36 -2.18 21.21 6.09
CA ALA A 36 -1.93 20.42 4.88
C ALA A 36 -2.61 19.03 4.97
N ALA A 37 -2.38 18.39 6.12
CA ALA A 37 -2.91 17.03 6.29
C ALA A 37 -4.45 17.04 6.46
N ALA A 38 -5.04 18.12 7.00
CA ALA A 38 -6.52 18.18 7.12
C ALA A 38 -7.16 18.28 5.74
N ILE A 39 -6.56 19.14 4.88
CA ILE A 39 -7.02 19.26 3.51
C ILE A 39 -6.92 17.89 2.84
N THR A 40 -5.76 17.24 2.97
CA THR A 40 -5.54 15.98 2.37
C THR A 40 -6.48 14.88 2.91
N ARG A 41 -6.76 14.94 4.18
CA ARG A 41 -7.72 14.03 4.80
C ARG A 41 -9.09 14.15 4.17
N ARG A 42 -9.56 15.40 4.05
N ARG A 42 -9.56 15.39 4.01
CA ARG A 42 -10.85 15.69 3.42
CA ARG A 42 -10.90 15.57 3.42
C ARG A 42 -10.88 15.20 1.98
C ARG A 42 -10.91 15.21 1.93
N VAL A 43 -9.79 15.44 1.24
CA VAL A 43 -9.69 14.92 -0.11
C VAL A 43 -9.90 13.39 -0.09
N CYS A 44 -9.18 12.68 0.78
CA CYS A 44 -9.26 11.24 0.83
C CYS A 44 -10.63 10.70 1.22
N GLU A 45 -11.34 11.43 2.13
CA GLU A 45 -12.64 10.96 2.54
C GLU A 45 -13.69 11.31 1.50
N THR A 46 -13.40 12.15 0.48
CA THR A 46 -14.40 12.54 -0.50
C THR A 46 -13.95 12.21 -1.92
N ASN A 47 -12.83 11.51 -2.08
CA ASN A 47 -12.27 11.14 -3.36
C ASN A 47 -12.06 12.37 -4.26
N ASP A 48 -11.63 13.50 -3.68
CA ASP A 48 -11.37 14.71 -4.49
C ASP A 48 -10.01 14.62 -5.17
N LYS A 49 -9.70 15.68 -5.89
CA LYS A 49 -8.41 15.83 -6.56
C LYS A 49 -7.27 15.94 -5.56
N ALA A 50 -6.10 15.46 -5.99
CA ALA A 50 -4.93 15.50 -5.15
C ALA A 50 -4.47 16.94 -4.91
N PRO A 51 -4.10 17.30 -3.66
CA PRO A 51 -3.61 18.67 -3.42
C PRO A 51 -2.11 18.78 -3.50
N LEU A 52 -1.67 19.82 -4.20
CA LEU A 52 -0.25 20.18 -4.28
C LEU A 52 -0.07 21.52 -3.57
N PHE A 53 0.63 21.50 -2.45
CA PHE A 53 0.89 22.67 -1.61
C PHE A 53 2.23 23.25 -2.03
N ASN A 54 2.14 24.31 -2.82
CA ASN A 54 3.33 24.97 -3.40
C ASN A 54 3.92 26.06 -2.48
N ASN A 55 3.22 26.41 -1.41
CA ASN A 55 3.59 27.53 -0.56
C ASN A 55 3.39 27.05 0.87
N LEU A 56 4.35 26.30 1.38
N LEU A 56 4.26 26.14 1.33
CA LEU A 56 4.22 25.61 2.62
CA LEU A 56 4.20 25.63 2.70
C LEU A 56 4.98 26.42 3.68
C LEU A 56 4.90 26.62 3.60
N ILE A 57 4.26 26.88 4.72
CA ILE A 57 4.86 27.76 5.74
C ILE A 57 6.01 26.99 6.39
N GLY A 58 7.20 27.62 6.31
CA GLY A 58 8.42 26.96 6.81
C GLY A 58 9.34 26.44 5.72
N MET A 59 8.89 26.39 4.46
N MET A 59 8.89 26.43 4.47
CA MET A 59 9.76 25.92 3.36
CA MET A 59 9.80 26.08 3.42
C MET A 59 10.91 26.92 3.18
C MET A 59 11.04 26.98 3.53
N LYS A 60 12.16 26.41 3.14
CA LYS A 60 13.35 27.24 3.03
C LYS A 60 14.33 26.56 2.09
N ASN A 61 14.98 27.36 1.21
CA ASN A 61 16.03 26.88 0.33
C ASN A 61 15.58 25.63 -0.43
N GLY A 62 14.30 25.61 -0.79
CA GLY A 62 13.84 24.60 -1.68
C GLY A 62 13.21 23.42 -0.96
N LEU A 63 13.27 23.37 0.38
CA LEU A 63 12.69 22.22 1.06
C LEU A 63 11.49 22.70 1.88
N PHE A 64 10.27 22.29 1.56
CA PHE A 64 9.83 21.51 0.41
C PHE A 64 8.34 21.85 0.20
N ARG A 65 7.84 21.51 -1.00
CA ARG A 65 6.40 21.47 -1.34
C ARG A 65 5.85 20.12 -0.87
N ILE A 66 4.51 19.98 -0.78
CA ILE A 66 3.93 18.68 -0.46
C ILE A 66 2.89 18.32 -1.53
N LEU A 67 2.89 17.07 -1.97
CA LEU A 67 1.75 16.47 -2.67
C LEU A 67 1.04 15.51 -1.74
N GLY A 68 -0.25 15.75 -1.48
CA GLY A 68 -1.03 14.82 -0.70
C GLY A 68 -1.79 13.84 -1.58
N ALA A 69 -2.21 12.74 -0.95
CA ALA A 69 -3.16 11.77 -1.56
C ALA A 69 -2.63 11.23 -2.90
N PRO A 70 -1.33 10.86 -3.02
CA PRO A 70 -0.82 10.42 -4.31
C PRO A 70 -1.41 9.13 -4.87
N GLY A 71 -1.93 8.27 -4.00
CA GLY A 71 -2.45 6.97 -4.45
C GLY A 71 -3.91 6.74 -4.03
N SER A 72 -4.63 7.83 -3.81
CA SER A 72 -6.01 7.75 -3.33
C SER A 72 -6.97 7.73 -4.53
N LEU A 73 -8.27 7.65 -4.24
CA LEU A 73 -9.28 7.33 -5.25
C LEU A 73 -9.82 8.59 -5.93
N ARG A 74 -10.23 8.45 -7.19
CA ARG A 74 -10.96 9.51 -7.88
C ARG A 74 -12.47 9.29 -7.71
N LYS A 75 -13.27 10.35 -7.91
CA LYS A 75 -14.68 10.29 -7.59
C LYS A 75 -15.42 9.41 -8.59
N SER A 76 -15.09 9.54 -9.88
N SER A 76 -15.07 9.53 -9.86
CA SER A 76 -15.82 8.80 -10.89
CA SER A 76 -15.78 8.82 -10.89
C SER A 76 -15.52 7.31 -10.80
C SER A 76 -15.51 7.31 -10.86
N SER A 77 -16.55 6.51 -11.11
CA SER A 77 -16.39 5.08 -11.19
C SER A 77 -15.43 4.69 -12.34
N ALA A 78 -15.48 5.40 -13.46
CA ALA A 78 -14.77 4.94 -14.67
C ALA A 78 -13.25 5.01 -14.48
N ASP A 79 -12.78 6.05 -13.78
CA ASP A 79 -11.35 6.15 -13.55
C ASP A 79 -11.05 6.19 -12.04
N ARG A 80 -11.84 5.45 -11.24
CA ARG A 80 -11.67 5.35 -9.81
C ARG A 80 -10.22 5.17 -9.41
N TYR A 81 -9.53 4.23 -10.09
CA TYR A 81 -8.17 3.86 -9.70
C TYR A 81 -7.14 4.52 -10.61
N GLY A 82 -7.51 5.65 -11.21
CA GLY A 82 -6.63 6.35 -12.14
C GLY A 82 -5.30 6.78 -11.57
N ARG A 83 -5.26 7.19 -10.30
CA ARG A 83 -4.00 7.55 -9.75
C ARG A 83 -3.04 6.38 -9.67
N LEU A 84 -3.54 5.21 -9.29
N LEU A 84 -3.55 5.19 -9.34
CA LEU A 84 -2.70 4.04 -9.29
CA LEU A 84 -2.75 3.94 -9.31
C LEU A 84 -2.28 3.72 -10.73
C LEU A 84 -2.31 3.58 -10.73
N ALA A 85 -3.21 3.75 -11.70
CA ALA A 85 -2.84 3.48 -13.09
C ALA A 85 -1.67 4.39 -13.53
N ARG A 86 -1.68 5.66 -13.12
CA ARG A 86 -0.62 6.62 -13.44
C ARG A 86 0.71 6.28 -12.76
N HIS A 87 0.71 5.39 -11.75
CA HIS A 87 1.94 4.89 -11.21
C HIS A 87 2.61 3.87 -12.14
N LEU A 88 1.87 3.36 -13.13
CA LEU A 88 2.26 2.13 -13.81
C LEU A 88 2.21 2.18 -15.33
N ALA A 89 1.90 3.36 -15.91
CA ALA A 89 1.79 3.49 -17.39
C ALA A 89 0.54 2.83 -17.91
N LEU A 90 -0.44 2.53 -17.05
CA LEU A 90 -1.69 1.95 -17.49
C LEU A 90 -2.68 3.04 -17.85
N PRO A 91 -3.64 2.74 -18.75
CA PRO A 91 -4.71 3.69 -19.00
C PRO A 91 -5.45 4.05 -17.71
N PRO A 92 -5.93 5.29 -17.60
CA PRO A 92 -6.52 5.72 -16.34
C PRO A 92 -7.81 5.00 -15.95
N THR A 93 -8.45 4.34 -16.91
CA THR A 93 -9.61 3.53 -16.72
C THR A 93 -9.30 2.07 -16.37
N ALA A 94 -8.03 1.76 -16.10
CA ALA A 94 -7.65 0.39 -15.75
C ALA A 94 -8.43 -0.15 -14.56
N SER A 95 -8.81 -1.44 -14.66
CA SER A 95 -9.46 -2.09 -13.54
C SER A 95 -8.44 -2.44 -12.46
N MET A 96 -8.98 -2.72 -11.26
N MET A 96 -8.93 -2.76 -11.26
CA MET A 96 -8.20 -3.25 -10.22
CA MET A 96 -8.03 -3.21 -10.22
C MET A 96 -7.50 -4.53 -10.68
C MET A 96 -7.49 -4.62 -10.56
N ARG A 97 -8.23 -5.44 -11.31
CA ARG A 97 -7.62 -6.70 -11.80
C ARG A 97 -6.38 -6.37 -12.67
N GLU A 98 -6.51 -5.42 -13.59
CA GLU A 98 -5.40 -5.07 -14.50
C GLU A 98 -4.24 -4.45 -13.69
N ILE A 99 -4.54 -3.60 -12.71
CA ILE A 99 -3.47 -3.02 -11.87
C ILE A 99 -2.73 -4.12 -11.11
N LEU A 100 -3.46 -5.01 -10.48
CA LEU A 100 -2.82 -6.09 -9.72
C LEU A 100 -2.09 -7.08 -10.63
N ASP A 101 -2.63 -7.35 -11.79
CA ASP A 101 -1.92 -8.22 -12.73
C ASP A 101 -0.60 -7.56 -13.16
N LYS A 102 -0.60 -6.23 -13.33
CA LYS A 102 0.63 -5.50 -13.72
C LYS A 102 1.64 -5.65 -12.58
N MET A 103 1.21 -5.45 -11.34
CA MET A 103 2.07 -5.58 -10.16
C MET A 103 2.62 -6.99 -9.94
N LEU A 104 1.93 -8.02 -10.42
CA LEU A 104 2.35 -9.43 -10.32
C LEU A 104 3.18 -9.87 -11.52
N SER A 105 3.15 -9.12 -12.62
CA SER A 105 3.69 -9.62 -13.87
C SER A 105 5.18 -9.97 -13.82
N ALA A 106 5.93 -9.26 -12.98
CA ALA A 106 7.34 -9.47 -12.86
C ALA A 106 7.70 -10.72 -12.09
N SER A 107 6.69 -11.39 -11.48
N SER A 107 6.73 -11.30 -11.37
CA SER A 107 6.96 -12.55 -10.63
CA SER A 107 7.04 -12.44 -10.54
C SER A 107 7.44 -13.78 -11.42
C SER A 107 7.73 -13.53 -11.35
N ASP A 108 7.15 -13.90 -12.71
N ASP A 108 7.24 -13.71 -12.59
CA ASP A 108 7.84 -14.97 -13.45
CA ASP A 108 7.55 -14.84 -13.50
C ASP A 108 8.49 -14.34 -14.68
C ASP A 108 8.72 -14.50 -14.45
N MET A 109 9.20 -13.24 -14.40
CA MET A 109 10.12 -12.70 -15.36
C MET A 109 11.52 -12.60 -14.76
N PRO A 110 12.57 -12.66 -15.60
CA PRO A 110 13.90 -12.37 -15.11
C PRO A 110 13.93 -10.93 -14.61
N PRO A 111 14.59 -10.66 -13.45
CA PRO A 111 14.80 -9.27 -13.04
C PRO A 111 15.49 -8.50 -14.16
N ILE A 112 15.25 -7.18 -14.17
CA ILE A 112 16.02 -6.28 -14.99
C ILE A 112 16.79 -5.36 -14.05
N PRO A 113 18.07 -5.68 -13.76
CA PRO A 113 18.81 -4.90 -12.76
C PRO A 113 18.88 -3.42 -13.14
N PRO A 114 19.02 -2.55 -12.14
CA PRO A 114 19.17 -1.13 -12.38
C PRO A 114 20.47 -0.76 -13.09
N THR A 115 20.43 0.43 -13.69
CA THR A 115 21.58 1.01 -14.39
C THR A 115 22.10 2.17 -13.56
N ILE A 116 23.41 2.20 -13.29
CA ILE A 116 24.05 3.25 -12.54
C ILE A 116 24.38 4.36 -13.53
N VAL A 117 23.97 5.57 -13.16
CA VAL A 117 24.27 6.78 -13.92
C VAL A 117 25.01 7.73 -12.98
N PRO A 118 25.82 8.65 -13.52
CA PRO A 118 26.72 9.44 -12.68
C PRO A 118 26.06 10.57 -11.91
N THR A 119 24.88 11.01 -12.35
CA THR A 119 24.18 12.07 -11.63
C THR A 119 22.70 12.10 -12.06
N GLY A 120 21.95 12.93 -11.34
CA GLY A 120 20.58 13.09 -11.66
C GLY A 120 19.99 14.24 -10.90
N PRO A 121 18.69 14.54 -11.13
CA PRO A 121 18.08 15.70 -10.49
C PRO A 121 18.16 15.67 -8.97
N CYS A 122 18.20 14.49 -8.34
CA CYS A 122 18.30 14.42 -6.90
C CYS A 122 19.61 14.97 -6.34
N LYS A 123 20.57 15.33 -7.24
CA LYS A 123 21.84 15.91 -6.81
C LYS A 123 21.88 17.41 -7.07
N GLU A 124 20.75 18.01 -7.42
CA GLU A 124 20.76 19.47 -7.74
C GLU A 124 21.12 20.34 -6.53
N ASN A 125 20.80 19.90 -5.31
CA ASN A 125 21.12 20.61 -4.09
C ASN A 125 21.56 19.62 -3.02
N SER A 126 22.38 20.07 -2.10
CA SER A 126 22.79 19.25 -1.01
C SER A 126 22.95 20.08 0.27
N LEU A 127 22.77 19.37 1.39
CA LEU A 127 23.05 19.92 2.72
C LEU A 127 23.83 18.89 3.52
N ASP A 128 25.00 19.31 4.04
CA ASP A 128 25.76 18.44 4.89
C ASP A 128 25.23 18.56 6.32
N ASP A 129 25.91 17.84 7.22
CA ASP A 129 25.54 17.70 8.62
C ASP A 129 25.69 19.03 9.40
N SER A 130 26.33 20.03 8.82
CA SER A 130 26.40 21.32 9.48
C SER A 130 25.34 22.30 8.95
N GLU A 131 24.56 21.89 7.94
CA GLU A 131 23.70 22.81 7.17
C GLU A 131 22.21 22.50 7.27
N PHE A 132 21.82 21.32 7.74
CA PHE A 132 20.39 21.02 7.89
C PHE A 132 20.08 20.81 9.36
N ASP A 133 18.79 20.99 9.65
CA ASP A 133 18.21 20.66 10.95
C ASP A 133 16.80 20.18 10.64
N LEU A 134 16.49 18.93 10.88
CA LEU A 134 15.21 18.33 10.49
C LEU A 134 14.06 19.00 11.24
N THR A 135 14.34 19.61 12.41
CA THR A 135 13.29 20.32 13.19
C THR A 135 12.98 21.67 12.57
N GLU A 136 13.77 22.13 11.58
CA GLU A 136 13.61 23.42 10.94
C GLU A 136 12.96 23.25 9.57
N LEU A 137 12.74 22.04 9.12
CA LEU A 137 12.02 21.84 7.87
C LEU A 137 10.51 21.83 8.13
N PRO A 138 9.70 22.06 7.07
CA PRO A 138 8.24 22.10 7.21
C PRO A 138 7.64 20.69 7.22
N VAL A 139 8.10 19.87 8.15
CA VAL A 139 7.61 18.52 8.27
C VAL A 139 6.18 18.59 8.82
N PRO A 140 5.24 17.84 8.25
CA PRO A 140 3.86 17.93 8.70
C PRO A 140 3.62 17.25 10.05
N LEU A 141 2.69 17.88 10.81
CA LEU A 141 1.94 17.18 11.86
C LEU A 141 0.68 16.71 11.14
N ILE A 142 0.51 15.40 11.04
CA ILE A 142 -0.56 14.81 10.15
C ILE A 142 -1.88 14.63 10.92
N HIS A 143 -1.84 14.27 12.18
CA HIS A 143 -3.01 14.08 13.01
C HIS A 143 -2.74 14.83 14.33
N LYS A 144 -3.76 15.40 14.95
N LYS A 144 -3.73 15.44 14.95
CA LYS A 144 -3.50 16.30 16.07
CA LYS A 144 -3.38 16.33 16.08
C LYS A 144 -2.85 15.62 17.28
C LYS A 144 -2.73 15.60 17.26
N SER A 145 -3.04 14.31 17.49
CA SER A 145 -2.47 13.58 18.61
C SER A 145 -1.22 12.78 18.23
N ASP A 146 -0.69 12.99 17.02
CA ASP A 146 0.52 12.24 16.67
C ASP A 146 1.67 12.57 17.61
N GLY A 147 2.52 11.58 17.86
CA GLY A 147 3.65 11.80 18.79
C GLY A 147 4.87 12.44 18.14
N GLY A 148 4.75 12.86 16.88
CA GLY A 148 5.87 13.55 16.20
C GLY A 148 5.40 14.03 14.86
N LYS A 149 6.30 14.71 14.17
N LYS A 149 6.30 14.74 14.19
CA LYS A 149 6.03 15.20 12.84
CA LYS A 149 6.12 15.25 12.82
C LYS A 149 6.54 14.14 11.85
C LYS A 149 6.55 14.14 11.86
N TYR A 150 5.58 13.53 11.16
CA TYR A 150 5.85 12.35 10.30
C TYR A 150 6.32 12.81 8.94
N ILE A 151 7.66 12.98 8.85
CA ILE A 151 8.32 13.30 7.58
C ILE A 151 8.10 12.20 6.57
N GLN A 152 7.97 10.95 7.04
CA GLN A 152 8.04 9.82 6.17
C GLN A 152 6.75 9.03 6.20
N THR A 153 5.92 9.28 5.17
CA THR A 153 4.71 8.52 4.90
C THR A 153 4.62 7.98 3.47
N TYR A 154 5.50 8.44 2.55
CA TYR A 154 5.40 7.98 1.18
C TYR A 154 6.75 7.95 0.47
N GLY A 155 7.84 7.96 1.22
CA GLY A 155 9.15 7.65 0.68
C GLY A 155 9.49 6.19 0.85
N MET A 156 10.62 5.83 0.26
CA MET A 156 11.12 4.46 0.23
C MET A 156 12.41 4.34 1.01
N HIS A 157 12.42 3.48 2.05
CA HIS A 157 13.64 3.11 2.74
C HIS A 157 14.42 2.11 1.86
N ILE A 158 15.74 2.31 1.84
CA ILE A 158 16.69 1.51 1.09
C ILE A 158 17.69 0.93 2.10
N VAL A 159 17.66 -0.38 2.24
CA VAL A 159 18.66 -1.08 3.04
C VAL A 159 19.09 -2.33 2.29
N GLN A 160 20.29 -2.77 2.60
CA GLN A 160 20.91 -3.91 1.86
C GLN A 160 21.39 -4.92 2.89
N SER A 161 21.28 -6.22 2.56
CA SER A 161 21.83 -7.26 3.39
C SER A 161 23.32 -7.09 3.57
N PRO A 162 23.91 -7.51 4.70
CA PRO A 162 25.36 -7.37 4.85
C PRO A 162 26.19 -7.96 3.72
N ASP A 163 25.72 -9.06 3.14
CA ASP A 163 26.47 -9.69 2.08
C ASP A 163 26.27 -9.02 0.73
N GLY A 164 25.43 -7.97 0.65
CA GLY A 164 25.28 -7.24 -0.60
C GLY A 164 24.26 -7.82 -1.57
N THR A 165 23.75 -9.01 -1.32
CA THR A 165 22.99 -9.73 -2.36
C THR A 165 21.53 -9.28 -2.48
N TRP A 166 20.99 -8.59 -1.49
CA TRP A 166 19.60 -8.20 -1.49
C TRP A 166 19.50 -6.76 -1.06
N THR A 167 18.90 -5.91 -1.92
CA THR A 167 18.64 -4.51 -1.59
C THR A 167 17.10 -4.38 -1.57
N ASN A 168 16.59 -4.01 -0.39
CA ASN A 168 15.14 -3.91 -0.21
C ASN A 168 14.73 -2.44 -0.29
N TRP A 169 13.58 -2.20 -0.97
CA TRP A 169 12.87 -0.97 -1.00
C TRP A 169 11.48 -1.16 -0.38
N SER A 170 11.19 -0.34 0.65
CA SER A 170 9.90 -0.47 1.30
C SER A 170 9.46 0.85 1.93
N ILE A 171 8.13 0.95 2.10
CA ILE A 171 7.52 2.02 2.89
C ILE A 171 7.38 1.53 4.33
N ALA A 172 7.90 2.33 5.28
CA ALA A 172 7.64 2.23 6.72
C ALA A 172 7.68 3.65 7.27
N ARG A 173 6.77 3.98 8.17
CA ARG A 173 6.66 5.36 8.67
C ARG A 173 7.90 5.77 9.45
N ALA A 174 8.15 7.07 9.48
CA ALA A 174 9.17 7.62 10.40
C ALA A 174 8.86 9.09 10.67
N MET A 175 9.25 9.50 11.88
CA MET A 175 9.01 10.85 12.37
C MET A 175 10.33 11.47 12.84
N VAL A 176 10.37 12.81 12.91
CA VAL A 176 11.55 13.52 13.34
C VAL A 176 11.72 13.34 14.87
N HIS A 177 12.92 12.89 15.23
CA HIS A 177 13.37 12.80 16.63
C HIS A 177 14.09 14.07 17.10
N ASP A 178 15.07 14.50 16.31
CA ASP A 178 15.82 15.71 16.64
C ASP A 178 16.47 16.20 15.33
N LYS A 179 17.37 17.17 15.44
CA LYS A 179 17.95 17.83 14.26
C LYS A 179 18.51 16.85 13.23
N ASN A 180 19.00 15.70 13.65
CA ASN A 180 19.61 14.79 12.69
C ASN A 180 19.23 13.33 12.90
N HIS A 181 18.07 13.07 13.51
CA HIS A 181 17.59 11.70 13.66
C HIS A 181 16.09 11.61 13.42
N LEU A 182 15.68 10.43 12.94
CA LEU A 182 14.27 10.00 12.88
C LEU A 182 14.08 8.80 13.82
N THR A 183 12.83 8.55 14.20
CA THR A 183 12.45 7.28 14.72
C THR A 183 11.37 6.72 13.84
N GLY A 184 11.26 5.40 13.81
CA GLY A 184 10.24 4.78 12.96
C GLY A 184 9.93 3.35 13.32
N LEU A 185 8.89 2.84 12.65
N LEU A 185 8.91 2.82 12.65
CA LEU A 185 8.44 1.47 12.81
CA LEU A 185 8.37 1.51 12.95
C LEU A 185 9.34 0.55 12.02
C LEU A 185 9.11 0.46 12.09
N VAL A 186 9.92 -0.40 12.75
CA VAL A 186 10.69 -1.46 12.12
C VAL A 186 10.30 -2.74 12.85
N ILE A 187 9.37 -3.52 12.29
CA ILE A 187 8.74 -4.60 12.98
C ILE A 187 8.74 -5.87 12.16
N PRO A 188 8.77 -7.05 12.81
CA PRO A 188 8.71 -8.31 12.06
C PRO A 188 7.29 -8.47 11.50
N PRO A 189 7.15 -9.13 10.36
CA PRO A 189 8.17 -9.80 9.56
C PRO A 189 8.71 -8.96 8.39
N GLN A 190 8.61 -7.64 8.53
CA GLN A 190 8.85 -6.75 7.39
C GLN A 190 10.32 -6.85 6.98
N HIS A 191 10.57 -6.66 5.67
CA HIS A 191 11.94 -6.82 5.16
C HIS A 191 12.93 -5.84 5.76
N ILE A 192 12.51 -4.62 6.09
CA ILE A 192 13.45 -3.68 6.70
C ILE A 192 13.89 -4.27 8.06
N TRP A 193 12.96 -4.91 8.77
CA TRP A 193 13.27 -5.59 10.02
C TRP A 193 14.18 -6.81 9.79
N GLN A 194 13.84 -7.62 8.80
CA GLN A 194 14.67 -8.81 8.51
C GLN A 194 16.12 -8.45 8.23
N ILE A 195 16.31 -7.39 7.43
CA ILE A 195 17.66 -6.93 7.14
C ILE A 195 18.31 -6.32 8.35
N HIS A 196 17.56 -5.52 9.12
N HIS A 196 17.57 -5.51 9.11
CA HIS A 196 18.10 -4.97 10.36
CA HIS A 196 18.11 -4.97 10.35
C HIS A 196 18.67 -6.08 11.23
C HIS A 196 18.66 -6.08 11.25
N GLN A 197 17.91 -7.18 11.36
CA GLN A 197 18.35 -8.31 12.19
C GLN A 197 19.68 -8.89 11.71
N MET A 198 19.83 -8.97 10.39
CA MET A 198 21.07 -9.47 9.87
C MET A 198 22.25 -8.62 10.35
N TRP A 199 22.13 -7.31 10.25
CA TRP A 199 23.18 -6.39 10.71
C TRP A 199 23.40 -6.51 12.23
N LYS A 200 22.33 -6.67 12.98
N LYS A 200 22.31 -6.61 12.99
CA LYS A 200 22.45 -6.78 14.43
CA LYS A 200 22.42 -6.77 14.45
C LYS A 200 23.23 -8.04 14.81
C LYS A 200 23.25 -8.02 14.78
N LYS A 201 22.92 -9.14 14.14
CA LYS A 201 23.64 -10.39 14.38
C LYS A 201 25.12 -10.29 14.04
N GLU A 202 25.42 -9.60 12.94
N GLU A 202 25.45 -9.60 12.95
CA GLU A 202 26.78 -9.35 12.54
CA GLU A 202 26.86 -9.40 12.62
C GLU A 202 27.48 -8.50 13.61
C GLU A 202 27.53 -8.48 13.64
N GLY A 203 26.76 -7.52 14.18
CA GLY A 203 27.22 -6.80 15.36
C GLY A 203 28.31 -5.77 15.18
N ARG A 204 28.76 -5.52 13.98
CA ARG A 204 29.90 -4.66 13.69
C ARG A 204 29.53 -3.20 13.41
N SER A 205 28.45 -2.93 12.70
N SER A 205 28.37 -2.97 12.81
CA SER A 205 28.15 -1.52 12.40
CA SER A 205 28.10 -1.70 12.07
C SER A 205 26.64 -1.32 12.29
C SER A 205 26.62 -1.35 12.24
N ASP A 206 26.29 -0.06 12.36
CA ASP A 206 24.92 0.37 12.05
C ASP A 206 24.65 0.10 10.56
N VAL A 207 23.36 0.07 10.20
CA VAL A 207 22.96 -0.28 8.85
C VAL A 207 23.10 0.91 7.93
N PRO A 208 23.91 0.83 6.83
CA PRO A 208 23.88 1.90 5.85
C PRO A 208 22.44 2.02 5.33
N TRP A 209 22.01 3.27 5.18
CA TRP A 209 20.59 3.55 4.93
C TRP A 209 20.46 4.76 4.02
N ALA A 210 19.40 4.74 3.23
CA ALA A 210 18.90 5.94 2.57
C ALA A 210 17.36 5.91 2.58
N LEU A 211 16.79 7.10 2.54
CA LEU A 211 15.32 7.25 2.44
C LEU A 211 15.08 8.23 1.31
N ALA A 212 14.44 7.73 0.25
CA ALA A 212 14.23 8.55 -0.91
C ALA A 212 12.74 8.89 -1.02
N PHE A 213 12.44 10.19 -1.13
CA PHE A 213 11.05 10.66 -1.25
C PHE A 213 10.82 11.11 -2.70
N GLY A 214 9.59 10.90 -3.18
CA GLY A 214 9.32 11.30 -4.55
C GLY A 214 10.12 10.48 -5.53
N VAL A 215 10.06 9.15 -5.33
CA VAL A 215 10.74 8.21 -6.20
C VAL A 215 9.85 7.87 -7.40
N PRO A 216 10.37 7.13 -8.41
CA PRO A 216 9.54 6.70 -9.49
C PRO A 216 8.26 6.06 -8.99
N PRO A 217 7.10 6.46 -9.50
CA PRO A 217 5.86 5.86 -9.01
C PRO A 217 5.83 4.33 -9.11
N ALA A 218 6.40 3.74 -10.15
CA ALA A 218 6.37 2.27 -10.22
C ALA A 218 7.18 1.69 -9.05
N ALA A 219 8.25 2.37 -8.64
CA ALA A 219 9.04 1.91 -7.51
C ALA A 219 8.28 2.04 -6.17
N ILE A 220 7.52 3.13 -5.94
CA ILE A 220 6.79 3.22 -4.66
C ILE A 220 5.69 2.17 -4.60
N MET A 221 5.11 1.81 -5.75
N MET A 221 5.13 1.76 -5.74
CA MET A 221 4.16 0.71 -5.77
CA MET A 221 4.15 0.67 -5.70
C MET A 221 4.82 -0.59 -5.27
C MET A 221 4.81 -0.64 -5.27
N ALA A 222 5.98 -0.97 -5.85
CA ALA A 222 6.65 -2.20 -5.38
C ALA A 222 7.08 -2.07 -3.92
N SER A 223 7.42 -0.85 -3.50
CA SER A 223 7.85 -0.61 -2.11
C SER A 223 6.73 -0.96 -1.10
N SER A 224 5.47 -0.92 -1.57
N SER A 224 5.46 -0.90 -1.54
CA SER A 224 4.32 -1.15 -0.78
CA SER A 224 4.32 -1.16 -0.72
C SER A 224 3.77 -2.58 -0.91
C SER A 224 3.79 -2.61 -0.86
N MET A 225 4.44 -3.44 -1.69
CA MET A 225 3.99 -4.77 -1.97
C MET A 225 4.88 -5.82 -1.30
N PRO A 226 4.30 -6.89 -0.73
CA PRO A 226 5.15 -7.89 -0.09
C PRO A 226 5.66 -8.91 -1.12
N ILE A 227 6.52 -8.47 -2.05
CA ILE A 227 7.19 -9.40 -2.97
C ILE A 227 8.13 -10.25 -2.11
N PRO A 228 8.61 -11.39 -2.64
CA PRO A 228 9.25 -12.36 -1.77
C PRO A 228 10.55 -11.91 -1.05
N ASP A 229 10.85 -12.63 0.01
CA ASP A 229 12.09 -12.50 0.74
C ASP A 229 13.25 -12.62 -0.25
N GLY A 230 14.26 -11.76 -0.11
CA GLY A 230 15.48 -11.89 -0.87
C GLY A 230 15.39 -11.28 -2.26
N VAL A 231 14.23 -10.74 -2.67
CA VAL A 231 14.08 -10.22 -3.98
C VAL A 231 14.29 -8.69 -3.96
N THR A 232 15.25 -8.22 -4.75
CA THR A 232 15.56 -6.83 -4.83
C THR A 232 14.47 -6.10 -5.61
N GLU A 233 13.76 -5.17 -4.97
CA GLU A 233 12.62 -4.49 -5.60
C GLU A 233 13.06 -3.80 -6.90
N ALA A 234 14.28 -3.23 -6.96
CA ALA A 234 14.67 -2.51 -8.18
C ALA A 234 14.57 -3.37 -9.45
N GLY A 235 15.00 -4.61 -9.33
CA GLY A 235 14.97 -5.53 -10.51
C GLY A 235 13.60 -6.03 -10.85
N TYR A 236 12.72 -6.09 -9.83
CA TYR A 236 11.32 -6.44 -10.04
C TYR A 236 10.60 -5.31 -10.77
N VAL A 237 10.83 -4.07 -10.31
CA VAL A 237 10.26 -2.93 -11.01
C VAL A 237 10.80 -2.82 -12.42
N GLY A 238 12.10 -3.08 -12.62
CA GLY A 238 12.65 -3.10 -13.94
C GLY A 238 11.92 -4.06 -14.84
N ALA A 239 11.70 -5.32 -14.37
CA ALA A 239 10.99 -6.29 -15.19
C ALA A 239 9.55 -5.88 -15.47
N MET A 240 8.85 -5.37 -14.45
N MET A 240 8.90 -5.35 -14.42
CA MET A 240 7.47 -4.95 -14.59
CA MET A 240 7.51 -4.90 -14.48
C MET A 240 7.32 -3.84 -15.65
C MET A 240 7.29 -3.82 -15.55
N THR A 241 8.20 -2.86 -15.60
CA THR A 241 8.11 -1.71 -16.49
C THR A 241 8.79 -1.96 -17.84
N GLY A 242 9.58 -3.04 -17.94
CA GLY A 242 10.33 -3.35 -19.13
C GLY A 242 11.56 -2.50 -19.31
N SER A 243 11.95 -1.75 -18.29
CA SER A 243 13.06 -0.82 -18.39
C SER A 243 13.93 -0.89 -17.15
N SER A 244 15.25 -0.86 -17.30
CA SER A 244 16.15 -0.74 -16.17
C SER A 244 16.05 0.64 -15.52
N LEU A 245 15.82 0.65 -14.19
CA LEU A 245 15.74 1.91 -13.47
C LEU A 245 17.13 2.55 -13.38
N GLU A 246 17.21 3.86 -13.58
CA GLU A 246 18.44 4.62 -13.45
C GLU A 246 18.60 5.06 -11.99
N LEU A 247 19.73 4.65 -11.38
CA LEU A 247 20.06 5.00 -10.03
C LEU A 247 21.39 5.73 -9.97
N VAL A 248 21.51 6.58 -8.94
N VAL A 248 21.53 6.57 -8.94
CA VAL A 248 22.79 7.26 -8.65
CA VAL A 248 22.78 7.29 -8.68
C VAL A 248 23.27 6.82 -7.27
C VAL A 248 23.26 6.96 -7.27
N LYS A 249 24.57 6.85 -7.08
CA LYS A 249 25.12 6.51 -5.78
C LYS A 249 24.84 7.65 -4.79
N CYS A 250 24.58 7.28 -3.53
CA CYS A 250 24.59 8.24 -2.43
C CYS A 250 25.99 8.84 -2.33
N ASP A 251 26.06 10.04 -1.73
CA ASP A 251 27.34 10.71 -1.52
C ASP A 251 28.13 10.08 -0.37
N THR A 252 27.44 9.70 0.71
CA THR A 252 28.11 9.34 1.94
C THR A 252 28.10 7.83 2.19
N ASN A 253 27.42 7.06 1.32
CA ASN A 253 27.49 5.60 1.41
C ASN A 253 27.39 5.05 0.01
N ASP A 254 27.42 3.71 -0.10
CA ASP A 254 27.46 3.04 -1.37
C ASP A 254 26.11 2.48 -1.79
N LEU A 255 25.03 2.94 -1.17
CA LEU A 255 23.70 2.62 -1.67
C LEU A 255 23.37 3.50 -2.89
N TYR A 256 22.34 3.10 -3.62
CA TYR A 256 21.95 3.73 -4.86
C TYR A 256 20.47 4.12 -4.79
N VAL A 257 20.18 5.37 -5.24
CA VAL A 257 18.87 5.94 -5.11
C VAL A 257 18.37 6.28 -6.50
N PRO A 258 17.04 6.34 -6.74
CA PRO A 258 16.56 6.75 -8.06
C PRO A 258 17.11 8.13 -8.43
N ALA A 259 17.54 8.23 -9.72
CA ALA A 259 18.17 9.47 -10.19
C ALA A 259 17.28 10.70 -10.02
N THR A 260 15.96 10.50 -10.18
CA THR A 260 15.03 11.60 -10.13
C THR A 260 14.34 11.75 -8.75
N SER A 261 14.84 11.11 -7.71
CA SER A 261 14.27 11.27 -6.39
C SER A 261 14.16 12.76 -6.07
N GLU A 262 13.00 13.16 -5.49
CA GLU A 262 12.82 14.55 -5.09
C GLU A 262 13.76 14.96 -3.93
N ILE A 263 13.84 14.10 -2.92
CA ILE A 263 14.56 14.37 -1.69
C ILE A 263 15.18 13.06 -1.23
N VAL A 264 16.48 13.08 -0.85
CA VAL A 264 17.16 11.90 -0.37
C VAL A 264 17.81 12.20 0.99
N LEU A 265 17.53 11.34 1.97
CA LEU A 265 18.26 11.33 3.20
C LEU A 265 19.26 10.17 3.17
N GLU A 266 20.49 10.46 3.56
CA GLU A 266 21.51 9.42 3.67
C GLU A 266 21.95 9.29 5.10
N GLY A 267 22.13 8.05 5.61
CA GLY A 267 22.65 7.94 6.95
C GLY A 267 22.66 6.49 7.37
N THR A 268 22.29 6.25 8.63
CA THR A 268 22.36 4.92 9.19
C THR A 268 21.09 4.63 10.01
N LEU A 269 20.74 3.32 10.03
CA LEU A 269 19.72 2.77 10.92
C LEU A 269 20.47 2.05 12.04
N SER A 270 20.27 2.51 13.27
CA SER A 270 21.10 1.99 14.38
C SER A 270 20.80 0.54 14.65
N ILE A 271 21.83 -0.23 14.98
CA ILE A 271 21.64 -1.62 15.52
C ILE A 271 21.56 -1.63 17.04
N SER A 272 21.69 -0.47 17.70
CA SER A 272 21.64 -0.47 19.16
C SER A 272 20.67 0.53 19.77
N GLU A 273 20.44 1.68 19.11
CA GLU A 273 19.70 2.76 19.72
C GLU A 273 18.25 2.70 19.32
N THR A 274 17.40 3.22 20.21
CA THR A 274 16.01 3.40 19.99
C THR A 274 15.59 4.81 20.39
N GLY A 275 14.38 5.20 20.08
CA GLY A 275 13.84 6.40 20.63
C GLY A 275 12.31 6.37 20.56
N PRO A 276 11.64 7.33 21.21
CA PRO A 276 10.18 7.40 21.20
C PRO A 276 9.64 7.48 19.78
N GLU A 277 8.62 6.65 19.51
CA GLU A 277 8.00 6.65 18.22
C GLU A 277 6.49 6.51 18.43
N GLY A 278 5.71 7.27 17.62
CA GLY A 278 4.28 7.22 17.75
C GLY A 278 3.80 7.99 18.96
N PRO A 279 2.50 7.97 19.21
CA PRO A 279 1.51 7.29 18.38
C PRO A 279 1.28 8.01 17.03
N PHE A 280 0.57 7.31 16.16
CA PHE A 280 0.31 7.78 14.81
C PHE A 280 -1.13 7.39 14.44
N GLY A 281 -1.79 8.26 13.71
CA GLY A 281 -3.08 7.93 13.14
C GLY A 281 -2.91 6.98 11.97
N GLU A 282 -3.27 5.70 12.17
CA GLU A 282 -2.84 4.59 11.37
C GLU A 282 -3.93 4.10 10.40
N MET A 283 -3.54 3.10 9.61
CA MET A 283 -4.33 2.61 8.48
C MET A 283 -5.76 2.13 8.87
N HIS A 284 -5.93 1.67 10.10
CA HIS A 284 -7.21 1.14 10.47
C HIS A 284 -8.15 2.24 10.96
N GLY A 285 -7.69 3.50 11.01
CA GLY A 285 -8.56 4.61 11.28
C GLY A 285 -8.54 5.13 12.71
N TYR A 286 -7.48 4.84 13.49
CA TYR A 286 -7.42 5.20 14.88
C TYR A 286 -6.07 5.81 15.23
N ILE A 287 -6.07 6.61 16.31
CA ILE A 287 -4.87 6.93 17.05
C ILE A 287 -5.21 6.73 18.53
N PHE A 288 -4.25 6.18 19.28
CA PHE A 288 -4.36 6.02 20.71
C PHE A 288 -3.43 7.04 21.35
N PRO A 289 -3.94 8.23 21.73
N PRO A 289 -3.93 8.22 21.80
CA PRO A 289 -3.04 9.30 22.15
CA PRO A 289 -3.04 9.29 22.24
C PRO A 289 -2.25 8.84 23.35
C PRO A 289 -1.99 8.95 23.29
N GLY A 290 -0.99 9.25 23.34
N GLY A 290 -2.31 7.95 24.12
CA GLY A 290 -0.13 8.97 24.41
CA GLY A 290 -1.47 7.66 25.26
C GLY A 290 0.54 7.59 24.31
C GLY A 290 -0.29 6.79 24.88
N ASP A 291 -0.03 6.60 23.54
CA ASP A 291 0.61 5.37 23.24
C ASP A 291 1.92 5.57 22.51
N THR A 292 2.88 6.19 23.17
CA THR A 292 4.34 6.08 22.67
C THR A 292 5.09 4.78 23.10
N HIS A 293 5.86 4.25 22.17
CA HIS A 293 6.69 3.07 22.37
C HIS A 293 8.02 3.40 21.75
N LEU A 294 9.03 2.61 22.05
CA LEU A 294 10.34 2.81 21.44
C LEU A 294 10.28 2.25 20.03
N GLY A 295 10.89 2.99 19.12
CA GLY A 295 11.09 2.55 17.75
C GLY A 295 12.56 2.63 17.36
N ALA A 296 12.81 2.12 16.15
CA ALA A 296 14.10 2.18 15.54
C ALA A 296 14.52 3.64 15.39
N LYS A 297 15.82 3.88 15.41
CA LYS A 297 16.40 5.23 15.36
C LYS A 297 17.33 5.32 14.16
N TYR A 298 17.11 6.32 13.33
CA TYR A 298 17.89 6.61 12.12
C TYR A 298 18.65 7.90 12.31
N LYS A 299 19.93 7.90 11.92
CA LYS A 299 20.75 9.09 11.89
C LYS A 299 20.86 9.57 10.44
N VAL A 300 20.65 10.86 10.25
CA VAL A 300 20.76 11.48 8.95
C VAL A 300 22.07 12.25 8.87
N ASN A 301 22.87 11.94 7.85
CA ASN A 301 24.17 12.55 7.65
C ASN A 301 24.19 13.57 6.52
N ARG A 302 23.29 13.41 5.55
CA ARG A 302 23.29 14.21 4.36
C ARG A 302 21.87 14.29 3.76
N ILE A 303 21.52 15.44 3.19
CA ILE A 303 20.29 15.58 2.40
C ILE A 303 20.69 16.05 1.03
N THR A 304 20.15 15.37 0.01
CA THR A 304 20.23 15.92 -1.38
C THR A 304 18.81 16.07 -1.92
N TYR A 305 18.61 16.98 -2.86
CA TYR A 305 17.26 17.22 -3.31
C TYR A 305 17.21 17.97 -4.63
N ARG A 306 16.12 17.75 -5.35
CA ARG A 306 15.81 18.48 -6.58
C ARG A 306 15.47 19.93 -6.25
N ASN A 307 15.80 20.82 -7.21
CA ASN A 307 15.26 22.15 -7.22
C ASN A 307 13.71 22.06 -7.08
N ASN A 308 13.14 22.90 -6.21
CA ASN A 308 11.72 22.96 -5.99
C ASN A 308 11.16 21.57 -5.60
N ALA A 309 11.89 20.90 -4.71
CA ALA A 309 11.53 19.55 -4.28
C ALA A 309 10.08 19.46 -3.77
N ILE A 310 9.47 18.31 -4.11
CA ILE A 310 8.12 17.95 -3.65
C ILE A 310 8.21 16.70 -2.77
N MET A 311 7.66 16.82 -1.56
CA MET A 311 7.49 15.68 -0.64
C MET A 311 6.08 15.11 -0.78
N PRO A 312 5.93 13.84 -1.18
CA PRO A 312 4.62 13.21 -1.12
C PRO A 312 4.26 12.88 0.32
N MET A 313 2.94 12.92 0.62
CA MET A 313 2.43 12.70 1.98
C MET A 313 1.14 11.90 1.91
N SER A 314 1.02 10.87 2.75
CA SER A 314 -0.21 10.19 3.00
C SER A 314 -0.83 10.64 4.31
N SER A 315 -1.99 11.26 4.24
CA SER A 315 -2.76 11.62 5.42
C SER A 315 -3.71 10.48 5.72
N CYS A 316 -3.17 9.46 6.39
CA CYS A 316 -3.87 8.19 6.46
C CYS A 316 -4.83 8.09 7.63
N GLY A 317 -5.78 7.16 7.50
CA GLY A 317 -6.70 6.88 8.56
C GLY A 317 -7.96 6.20 8.02
N ARG A 318 -9.13 6.78 8.30
CA ARG A 318 -10.36 6.25 7.74
C ARG A 318 -10.39 6.37 6.21
N LEU A 319 -11.27 5.57 5.59
CA LEU A 319 -11.28 5.40 4.13
C LEU A 319 -11.37 6.75 3.41
N THR A 320 -10.68 6.90 2.27
CA THR A 320 -9.86 5.91 1.58
C THR A 320 -8.53 6.60 1.23
N ASP A 321 -7.43 5.92 1.55
CA ASP A 321 -6.10 6.48 1.29
C ASP A 321 -5.17 5.37 0.82
N GLU A 322 -3.90 5.71 0.72
CA GLU A 322 -2.84 4.81 0.24
C GLU A 322 -2.73 3.54 1.08
N THR A 323 -3.02 3.68 2.36
CA THR A 323 -2.92 2.52 3.25
C THR A 323 -4.00 1.50 2.98
N HIS A 324 -5.03 1.87 2.21
CA HIS A 324 -6.09 0.95 1.80
C HIS A 324 -5.86 0.52 0.36
N THR A 325 -5.71 1.51 -0.53
CA THR A 325 -5.63 1.21 -1.94
C THR A 325 -4.34 0.42 -2.32
N MET A 326 -3.25 0.70 -1.61
CA MET A 326 -1.95 0.07 -1.91
C MET A 326 -1.69 -1.07 -0.93
N ILE A 327 -1.74 -0.82 0.39
CA ILE A 327 -1.40 -1.95 1.29
C ILE A 327 -2.34 -3.12 1.05
N GLY A 328 -3.66 -2.85 1.11
CA GLY A 328 -4.61 -3.91 1.00
C GLY A 328 -4.54 -4.63 -0.33
N SER A 329 -4.57 -3.84 -1.40
CA SER A 329 -4.69 -4.42 -2.71
C SER A 329 -3.45 -5.19 -3.11
N LEU A 330 -2.28 -4.63 -2.75
CA LEU A 330 -1.01 -5.27 -3.16
C LEU A 330 -0.78 -6.53 -2.34
N ALA A 331 -1.19 -6.55 -1.06
CA ALA A 331 -1.12 -7.79 -0.25
C ALA A 331 -2.04 -8.85 -0.86
N ALA A 332 -3.27 -8.42 -1.25
CA ALA A 332 -4.19 -9.33 -1.86
C ALA A 332 -3.63 -9.95 -3.16
N ALA A 333 -2.97 -9.12 -3.95
CA ALA A 333 -2.35 -9.63 -5.19
C ALA A 333 -1.35 -10.73 -4.88
N GLU A 334 -0.44 -10.44 -3.92
CA GLU A 334 0.57 -11.42 -3.56
C GLU A 334 -0.05 -12.70 -2.99
N ILE A 335 -1.13 -12.53 -2.20
CA ILE A 335 -1.82 -13.70 -1.66
C ILE A 335 -2.46 -14.52 -2.78
N ARG A 336 -3.05 -13.88 -3.80
CA ARG A 336 -3.60 -14.62 -4.92
C ARG A 336 -2.53 -15.51 -5.53
N LYS A 337 -1.38 -14.93 -5.88
CA LYS A 337 -0.28 -15.72 -6.44
C LYS A 337 0.17 -16.85 -5.49
N LEU A 338 0.35 -16.51 -4.23
CA LEU A 338 0.80 -17.48 -3.24
C LEU A 338 -0.15 -18.67 -3.23
N CYS A 339 -1.46 -18.43 -3.23
CA CYS A 339 -2.42 -19.52 -3.22
C CYS A 339 -2.26 -20.39 -4.47
N GLN A 340 -2.12 -19.73 -5.64
CA GLN A 340 -2.00 -20.49 -6.92
C GLN A 340 -0.72 -21.33 -6.95
N GLN A 341 0.37 -20.79 -6.37
CA GLN A 341 1.58 -21.51 -6.34
C GLN A 341 1.58 -22.71 -5.39
N ASN A 342 0.65 -22.69 -4.45
CA ASN A 342 0.38 -23.79 -3.54
C ASN A 342 -0.76 -24.70 -4.06
N ASP A 343 -1.09 -24.59 -5.35
CA ASP A 343 -2.05 -25.47 -5.99
C ASP A 343 -3.46 -25.29 -5.46
N LEU A 344 -3.76 -24.10 -4.94
CA LEU A 344 -5.11 -23.82 -4.51
C LEU A 344 -5.85 -23.10 -5.64
N PRO A 345 -7.12 -23.44 -5.90
CA PRO A 345 -7.87 -22.96 -7.08
C PRO A 345 -8.45 -21.59 -6.85
N ILE A 346 -7.57 -20.60 -6.69
CA ILE A 346 -7.94 -19.21 -6.44
C ILE A 346 -7.71 -18.44 -7.74
N THR A 347 -8.71 -17.69 -8.17
CA THR A 347 -8.60 -16.90 -9.40
C THR A 347 -8.31 -15.42 -9.15
N ASP A 348 -8.76 -14.90 -8.03
CA ASP A 348 -8.73 -13.46 -7.77
C ASP A 348 -8.74 -13.26 -6.26
N ALA A 349 -8.17 -12.16 -5.82
CA ALA A 349 -8.15 -11.77 -4.40
C ALA A 349 -8.20 -10.25 -4.31
N PHE A 350 -8.93 -9.78 -3.29
CA PHE A 350 -8.99 -8.34 -3.02
C PHE A 350 -9.24 -8.15 -1.54
N ALA A 351 -8.74 -7.04 -0.99
CA ALA A 351 -9.02 -6.69 0.43
C ALA A 351 -10.16 -5.68 0.45
N PRO A 352 -11.40 -6.06 0.81
CA PRO A 352 -12.49 -5.09 0.69
C PRO A 352 -12.20 -3.82 1.52
N PHE A 353 -12.46 -2.66 0.95
CA PHE A 353 -12.29 -1.44 1.70
C PHE A 353 -13.22 -1.43 2.94
N GLU A 354 -14.44 -2.01 2.80
CA GLU A 354 -15.40 -2.04 3.89
C GLU A 354 -14.82 -2.71 5.12
N SER A 355 -13.90 -3.67 4.93
CA SER A 355 -13.27 -4.40 6.02
C SER A 355 -12.07 -3.64 6.60
N GLN A 356 -11.87 -2.40 6.17
CA GLN A 356 -10.69 -1.63 6.58
C GLN A 356 -9.41 -2.40 6.17
N VAL A 357 -9.51 -3.05 4.98
CA VAL A 357 -8.46 -3.93 4.40
C VAL A 357 -7.89 -4.93 5.39
N THR A 358 -8.74 -5.42 6.31
CA THR A 358 -8.36 -6.51 7.19
C THR A 358 -8.84 -7.89 6.74
N TRP A 359 -9.75 -7.90 5.76
CA TRP A 359 -10.17 -9.12 5.12
C TRP A 359 -9.56 -9.22 3.72
N VAL A 360 -9.41 -10.45 3.23
CA VAL A 360 -9.20 -10.68 1.81
C VAL A 360 -10.26 -11.71 1.38
N ALA A 361 -10.96 -11.35 0.28
CA ALA A 361 -11.86 -12.26 -0.38
C ALA A 361 -11.10 -12.96 -1.49
N LEU A 362 -11.27 -14.27 -1.46
CA LEU A 362 -10.58 -15.21 -2.39
C LEU A 362 -11.67 -15.83 -3.29
N ARG A 363 -11.62 -15.55 -4.58
CA ARG A 363 -12.56 -16.13 -5.55
C ARG A 363 -12.02 -17.49 -5.97
N VAL A 364 -12.85 -18.52 -5.82
CA VAL A 364 -12.48 -19.90 -6.09
C VAL A 364 -13.04 -20.35 -7.43
N ASP A 365 -12.19 -21.03 -8.21
CA ASP A 365 -12.57 -21.75 -9.39
C ASP A 365 -13.23 -23.03 -8.91
N THR A 366 -14.58 -23.05 -8.91
CA THR A 366 -15.27 -24.14 -8.21
C THR A 366 -15.31 -25.42 -9.06
N GLU A 367 -15.07 -25.32 -10.37
CA GLU A 367 -14.86 -26.50 -11.20
C GLU A 367 -13.62 -27.25 -10.65
N LYS A 368 -12.54 -26.52 -10.46
CA LYS A 368 -11.33 -27.12 -9.91
C LYS A 368 -11.53 -27.61 -8.48
N LEU A 369 -12.29 -26.84 -7.69
CA LEU A 369 -12.62 -27.27 -6.31
C LEU A 369 -13.34 -28.61 -6.34
N ARG A 370 -14.33 -28.73 -7.21
CA ARG A 370 -15.07 -29.97 -7.24
C ARG A 370 -14.19 -31.16 -7.56
N ALA A 371 -13.21 -30.98 -8.44
CA ALA A 371 -12.33 -32.10 -8.78
C ALA A 371 -11.43 -32.52 -7.61
N MET A 372 -11.20 -31.62 -6.67
CA MET A 372 -10.41 -31.92 -5.47
C MET A 372 -11.14 -32.88 -4.52
N LYS A 373 -12.46 -32.98 -4.63
CA LYS A 373 -13.22 -33.90 -3.80
C LYS A 373 -12.89 -33.75 -2.30
N THR A 374 -13.05 -32.50 -1.84
CA THR A 374 -12.71 -32.14 -0.48
C THR A 374 -13.94 -31.58 0.24
N THR A 375 -13.69 -31.05 1.42
CA THR A 375 -14.74 -30.50 2.24
C THR A 375 -14.35 -29.13 2.76
N SER A 376 -15.35 -28.40 3.30
CA SER A 376 -15.07 -27.09 3.81
C SER A 376 -14.00 -27.08 4.88
N GLU A 377 -14.13 -27.97 5.88
N GLU A 377 -14.07 -28.01 5.85
CA GLU A 377 -13.16 -27.98 6.97
CA GLU A 377 -13.14 -27.87 6.96
C GLU A 377 -11.76 -28.14 6.39
C GLU A 377 -11.73 -28.23 6.51
N GLY A 378 -11.60 -29.15 5.54
CA GLY A 378 -10.26 -29.41 5.03
C GLY A 378 -9.69 -28.28 4.18
N PHE A 379 -10.55 -27.74 3.32
CA PHE A 379 -10.10 -26.68 2.42
C PHE A 379 -9.80 -25.38 3.18
N ARG A 380 -10.66 -25.02 4.16
CA ARG A 380 -10.39 -23.83 5.02
C ARG A 380 -9.07 -23.94 5.69
N LYS A 381 -8.79 -25.12 6.21
N LYS A 381 -8.76 -25.12 6.26
CA LYS A 381 -7.56 -25.37 6.92
CA LYS A 381 -7.45 -25.29 6.96
C LYS A 381 -6.31 -25.23 6.02
C LYS A 381 -6.27 -25.16 5.99
N ARG A 382 -6.46 -25.76 4.79
CA ARG A 382 -5.36 -25.70 3.82
C ARG A 382 -5.10 -24.26 3.41
N VAL A 383 -6.15 -23.49 3.11
CA VAL A 383 -5.99 -22.12 2.68
C VAL A 383 -5.38 -21.28 3.82
N GLY A 384 -5.92 -21.40 5.05
CA GLY A 384 -5.43 -20.59 6.13
C GLY A 384 -3.98 -20.93 6.49
N ASP A 385 -3.60 -22.21 6.41
CA ASP A 385 -2.21 -22.56 6.67
C ASP A 385 -1.28 -21.89 5.65
N VAL A 386 -1.65 -21.92 4.37
CA VAL A 386 -0.80 -21.32 3.35
C VAL A 386 -0.68 -19.82 3.63
N VAL A 387 -1.78 -19.12 3.81
CA VAL A 387 -1.75 -17.68 3.84
C VAL A 387 -1.28 -17.10 5.18
N PHE A 388 -1.83 -17.66 6.27
CA PHE A 388 -1.53 -17.09 7.55
C PHE A 388 -0.16 -17.45 8.08
N ASN A 389 0.51 -18.45 7.47
CA ASN A 389 1.90 -18.74 7.85
C ASN A 389 2.89 -18.01 6.96
N HIS A 390 2.44 -17.14 6.07
CA HIS A 390 3.32 -16.44 5.15
C HIS A 390 3.25 -14.93 5.44
N LYS A 391 4.36 -14.24 5.17
CA LYS A 391 4.43 -12.79 5.32
C LYS A 391 3.36 -12.07 4.49
N ALA A 392 2.98 -12.58 3.32
CA ALA A 392 2.00 -11.90 2.50
C ALA A 392 0.66 -11.84 3.27
N GLY A 393 0.41 -12.80 4.17
CA GLY A 393 -0.82 -12.78 4.91
C GLY A 393 -0.75 -11.99 6.20
N TYR A 394 0.36 -11.33 6.54
CA TYR A 394 0.57 -10.67 7.83
C TYR A 394 -0.58 -9.75 8.19
N THR A 395 -0.96 -8.82 7.27
CA THR A 395 -1.88 -7.77 7.61
C THR A 395 -3.36 -8.22 7.62
N ILE A 396 -3.60 -9.45 7.17
CA ILE A 396 -4.95 -9.93 6.91
C ILE A 396 -5.40 -10.90 7.98
N HIS A 397 -6.55 -10.57 8.61
CA HIS A 397 -7.06 -11.35 9.75
C HIS A 397 -8.27 -12.22 9.37
N ARG A 398 -8.93 -11.96 8.25
CA ARG A 398 -10.08 -12.80 7.83
C ARG A 398 -9.94 -13.03 6.33
N LEU A 399 -9.99 -14.31 5.96
CA LEU A 399 -10.08 -14.70 4.56
C LEU A 399 -11.51 -15.16 4.33
N VAL A 400 -12.12 -14.68 3.25
CA VAL A 400 -13.49 -15.07 2.91
C VAL A 400 -13.41 -15.80 1.58
N LEU A 401 -13.75 -17.09 1.56
CA LEU A 401 -13.78 -17.93 0.36
C LEU A 401 -15.13 -17.76 -0.31
N VAL A 402 -15.14 -17.41 -1.60
CA VAL A 402 -16.38 -17.21 -2.38
C VAL A 402 -16.26 -17.93 -3.71
N GLY A 403 -17.41 -18.35 -4.21
CA GLY A 403 -17.46 -19.00 -5.51
C GLY A 403 -17.44 -18.03 -6.70
N ASP A 404 -17.48 -18.63 -7.91
CA ASP A 404 -17.18 -17.91 -9.13
C ASP A 404 -18.18 -16.83 -9.50
N ASP A 405 -19.35 -16.83 -8.84
CA ASP A 405 -20.35 -15.78 -9.17
C ASP A 405 -20.01 -14.42 -8.52
N ILE A 406 -19.13 -14.39 -7.55
CA ILE A 406 -18.81 -13.19 -6.82
C ILE A 406 -17.60 -12.48 -7.42
N ASP A 407 -17.78 -11.18 -7.66
CA ASP A 407 -16.70 -10.29 -8.05
C ASP A 407 -16.06 -9.75 -6.78
N VAL A 408 -14.89 -10.29 -6.44
CA VAL A 408 -14.25 -9.90 -5.17
C VAL A 408 -13.82 -8.42 -5.14
N TYR A 409 -13.76 -7.77 -6.31
CA TYR A 409 -13.39 -6.37 -6.31
C TYR A 409 -14.59 -5.49 -5.96
N GLU A 410 -15.76 -6.11 -5.74
CA GLU A 410 -17.03 -5.39 -5.41
C GLU A 410 -17.43 -5.69 -3.97
N GLY A 411 -17.11 -4.77 -3.05
CA GLY A 411 -17.38 -5.01 -1.61
C GLY A 411 -18.80 -5.37 -1.29
N LYS A 412 -19.77 -4.78 -1.99
N LYS A 412 -19.77 -4.79 -2.00
CA LYS A 412 -21.17 -5.10 -1.72
CA LYS A 412 -21.15 -5.09 -1.68
C LYS A 412 -21.43 -6.59 -1.94
C LYS A 412 -21.46 -6.57 -1.96
N ASP A 413 -20.82 -7.16 -2.98
CA ASP A 413 -21.07 -8.54 -3.34
C ASP A 413 -20.32 -9.48 -2.39
N VAL A 414 -19.11 -9.09 -1.95
CA VAL A 414 -18.42 -9.85 -0.92
C VAL A 414 -19.23 -9.87 0.38
N LEU A 415 -19.76 -8.71 0.77
N LEU A 415 -19.75 -8.71 0.78
CA LEU A 415 -20.53 -8.63 2.00
CA LEU A 415 -20.51 -8.67 2.03
C LEU A 415 -21.79 -9.49 1.90
C LEU A 415 -21.80 -9.51 1.91
N TRP A 416 -22.48 -9.46 0.76
CA TRP A 416 -23.63 -10.29 0.52
C TRP A 416 -23.29 -11.77 0.68
N ALA A 417 -22.22 -12.21 0.00
CA ALA A 417 -21.84 -13.61 0.07
C ALA A 417 -21.46 -14.02 1.51
N PHE A 418 -20.63 -13.21 2.16
CA PHE A 418 -20.18 -13.52 3.51
C PHE A 418 -21.39 -13.67 4.44
N SER A 419 -22.33 -12.72 4.33
N SER A 419 -22.32 -12.72 4.35
CA SER A 419 -23.46 -12.63 5.27
CA SER A 419 -23.40 -12.64 5.33
C SER A 419 -24.45 -13.77 5.09
C SER A 419 -24.50 -13.68 5.06
N THR A 420 -24.54 -14.29 3.88
CA THR A 420 -25.60 -15.27 3.52
C THR A 420 -25.13 -16.70 3.28
N ARG A 421 -23.80 -16.89 3.07
CA ARG A 421 -23.29 -18.21 2.71
C ARG A 421 -22.34 -18.81 3.73
N CYS A 422 -21.88 -18.03 4.73
CA CYS A 422 -20.96 -18.52 5.73
C CYS A 422 -21.66 -18.54 7.11
N ARG A 423 -21.95 -19.77 7.54
CA ARG A 423 -22.56 -19.96 8.88
C ARG A 423 -21.54 -19.64 9.97
N PRO A 424 -21.79 -18.64 10.82
CA PRO A 424 -20.85 -18.33 11.89
C PRO A 424 -20.48 -19.57 12.70
N GLY A 425 -19.18 -19.69 12.99
CA GLY A 425 -18.70 -20.80 13.76
C GLY A 425 -18.45 -22.03 12.90
N MET A 426 -19.50 -22.72 12.53
CA MET A 426 -19.44 -23.97 11.81
C MET A 426 -18.68 -23.89 10.48
N ASP A 427 -18.85 -22.79 9.77
CA ASP A 427 -18.24 -22.63 8.45
C ASP A 427 -16.94 -21.82 8.52
N GLU A 428 -16.33 -21.75 9.71
CA GLU A 428 -15.14 -20.96 9.95
C GLU A 428 -14.12 -21.79 10.69
N THR A 429 -12.84 -21.45 10.43
CA THR A 429 -11.76 -22.01 11.23
C THR A 429 -10.90 -20.88 11.78
N LEU A 430 -10.75 -20.87 13.10
CA LEU A 430 -9.96 -19.90 13.77
C LEU A 430 -8.49 -20.35 13.85
N PHE A 431 -7.58 -19.41 13.76
CA PHE A 431 -6.14 -19.63 13.79
C PHE A 431 -5.55 -18.79 14.91
N GLU A 432 -5.21 -19.41 16.06
CA GLU A 432 -4.64 -18.68 17.15
C GLU A 432 -3.11 -18.76 17.22
N ASP A 433 -2.49 -19.70 16.48
CA ASP A 433 -1.05 -19.89 16.53
C ASP A 433 -0.43 -19.49 15.21
N VAL A 434 -0.74 -18.26 14.82
CA VAL A 434 -0.12 -17.61 13.67
C VAL A 434 0.24 -16.17 14.10
N ARG A 435 1.13 -15.54 13.35
CA ARG A 435 1.47 -14.16 13.66
C ARG A 435 0.24 -13.27 13.43
N GLY A 436 -0.02 -12.36 14.38
CA GLY A 436 -1.08 -11.42 14.30
C GLY A 436 -0.52 -10.03 13.98
N PHE A 437 -1.40 -9.16 13.49
CA PHE A 437 -1.06 -7.81 13.07
C PHE A 437 -1.38 -6.85 14.19
N PRO A 438 -0.41 -6.34 14.94
CA PRO A 438 -0.74 -5.61 16.18
C PRO A 438 -1.39 -4.27 15.96
N LEU A 439 -1.24 -3.68 14.77
N LEU A 439 -1.21 -3.68 14.77
CA LEU A 439 -1.81 -2.35 14.52
CA LEU A 439 -1.79 -2.36 14.48
C LEU A 439 -3.35 -2.38 14.47
C LEU A 439 -3.32 -2.41 14.55
N ILE A 440 -3.95 -3.56 14.20
CA ILE A 440 -5.38 -3.57 14.29
C ILE A 440 -5.78 -3.34 15.74
N PRO A 441 -6.74 -2.44 16.01
CA PRO A 441 -7.04 -2.13 17.42
C PRO A 441 -7.38 -3.37 18.26
N TYR A 442 -8.18 -4.29 17.72
CA TYR A 442 -8.55 -5.48 18.52
C TYR A 442 -7.36 -6.41 18.79
N MET A 443 -6.20 -6.15 18.19
CA MET A 443 -4.96 -6.89 18.47
C MET A 443 -4.17 -6.11 19.51
N GLY A 444 -3.46 -5.04 19.10
CA GLY A 444 -2.56 -4.35 20.01
C GLY A 444 -3.19 -3.60 21.17
N HIS A 445 -4.49 -3.25 21.03
CA HIS A 445 -5.24 -2.62 22.09
C HIS A 445 -6.46 -3.46 22.51
N GLY A 446 -6.38 -4.78 22.27
CA GLY A 446 -7.49 -5.68 22.50
C GLY A 446 -7.32 -6.55 23.73
N ASN A 447 -8.13 -7.60 23.74
CA ASN A 447 -8.29 -8.49 24.88
C ASN A 447 -7.32 -9.66 24.90
N GLY A 448 -6.54 -9.84 23.83
CA GLY A 448 -5.65 -10.95 23.73
C GLY A 448 -4.23 -10.58 23.34
N PRO A 449 -3.41 -11.59 23.02
CA PRO A 449 -2.01 -11.32 22.67
C PRO A 449 -1.94 -10.38 21.47
N ALA A 450 -1.10 -9.33 21.56
CA ALA A 450 -1.05 -8.35 20.49
C ALA A 450 -0.47 -8.95 19.20
N HIS A 451 0.38 -9.98 19.28
CA HIS A 451 1.21 -10.43 18.17
C HIS A 451 0.83 -11.82 17.67
N ARG A 452 -0.22 -12.44 18.24
CA ARG A 452 -0.49 -13.82 17.94
C ARG A 452 -1.99 -14.02 17.83
N GLY A 453 -2.38 -14.75 16.80
CA GLY A 453 -3.75 -15.24 16.64
C GLY A 453 -4.72 -14.17 16.18
N GLY A 454 -6.00 -14.44 16.45
CA GLY A 454 -7.07 -13.55 16.02
C GLY A 454 -7.39 -13.62 14.53
N LYS A 455 -7.05 -14.75 13.88
CA LYS A 455 -7.29 -14.90 12.45
C LYS A 455 -8.33 -15.95 12.19
N VAL A 456 -8.97 -15.88 11.04
CA VAL A 456 -10.07 -16.77 10.74
C VAL A 456 -10.19 -16.96 9.23
N VAL A 457 -10.54 -18.19 8.81
CA VAL A 457 -10.98 -18.44 7.45
C VAL A 457 -12.50 -18.66 7.49
N SER A 458 -13.22 -17.85 6.74
CA SER A 458 -14.67 -17.87 6.69
C SER A 458 -15.07 -18.42 5.33
N ASP A 459 -15.69 -19.62 5.32
CA ASP A 459 -16.04 -20.27 4.07
C ASP A 459 -17.44 -19.87 3.59
N ALA A 460 -17.50 -19.00 2.59
CA ALA A 460 -18.76 -18.56 1.99
C ALA A 460 -19.01 -19.31 0.68
N LEU A 461 -18.37 -20.48 0.48
CA LEU A 461 -18.79 -21.45 -0.51
C LEU A 461 -19.97 -22.24 0.06
N MET A 462 -20.95 -22.46 -0.81
CA MET A 462 -22.13 -23.25 -0.43
C MET A 462 -21.83 -24.74 -0.61
N PRO A 463 -22.56 -25.64 0.08
CA PRO A 463 -22.18 -27.05 0.09
C PRO A 463 -22.05 -27.68 -1.29
N THR A 464 -22.98 -27.38 -2.20
CA THR A 464 -22.90 -28.06 -3.46
C THR A 464 -21.76 -27.52 -4.34
N GLU A 465 -21.16 -26.38 -3.98
CA GLU A 465 -19.98 -25.90 -4.70
C GLU A 465 -18.79 -26.85 -4.60
N TYR A 466 -18.78 -27.70 -3.57
CA TYR A 466 -17.75 -28.68 -3.38
C TYR A 466 -18.09 -29.99 -4.11
N THR A 467 -19.33 -30.22 -4.53
CA THR A 467 -19.79 -31.53 -5.02
C THR A 467 -20.25 -31.42 -6.48
N THR A 468 -21.48 -30.97 -6.69
CA THR A 468 -22.19 -31.08 -7.95
C THR A 468 -22.37 -29.75 -8.70
N GLY A 469 -22.16 -28.62 -8.03
CA GLY A 469 -22.32 -27.33 -8.69
C GLY A 469 -23.30 -26.43 -7.92
N ARG A 470 -23.21 -25.13 -8.17
CA ARG A 470 -24.16 -24.14 -7.63
C ARG A 470 -25.59 -24.62 -7.92
N ASN A 471 -26.43 -24.52 -6.90
CA ASN A 471 -27.81 -25.00 -6.91
C ASN A 471 -28.84 -23.90 -6.68
N TRP A 472 -28.42 -22.65 -6.85
CA TRP A 472 -29.32 -21.50 -6.74
C TRP A 472 -29.20 -20.60 -7.95
N GLU A 473 -30.17 -19.67 -8.08
CA GLU A 473 -30.10 -18.48 -8.91
C GLU A 473 -30.28 -17.31 -7.96
N ALA A 474 -29.60 -16.19 -8.21
CA ALA A 474 -29.88 -15.01 -7.40
C ALA A 474 -31.30 -14.50 -7.69
N ALA A 475 -31.90 -13.95 -6.63
CA ALA A 475 -33.15 -13.18 -6.72
C ALA A 475 -32.80 -11.73 -7.03
N ASP A 476 -32.27 -11.51 -8.24
CA ASP A 476 -31.89 -10.21 -8.67
C ASP A 476 -32.39 -10.03 -10.12
N PHE A 477 -32.28 -8.80 -10.61
CA PHE A 477 -32.73 -8.52 -11.96
C PHE A 477 -31.94 -9.36 -12.97
N ASN A 478 -30.63 -9.48 -12.74
CA ASN A 478 -29.77 -10.18 -13.68
C ASN A 478 -30.20 -11.64 -13.85
N GLN A 479 -30.46 -12.36 -12.74
CA GLN A 479 -30.56 -13.80 -12.77
C GLN A 479 -31.99 -14.34 -12.66
N SER A 480 -32.94 -13.51 -12.30
N SER A 480 -32.96 -13.52 -12.23
CA SER A 480 -34.24 -14.07 -12.02
CA SER A 480 -34.38 -14.00 -12.01
C SER A 480 -35.24 -13.70 -13.14
C SER A 480 -35.26 -13.85 -13.25
N TYR A 481 -34.74 -13.22 -14.31
CA TYR A 481 -35.55 -12.86 -15.49
C TYR A 481 -34.82 -13.24 -16.76
N PRO A 482 -35.53 -13.74 -17.78
CA PRO A 482 -34.85 -14.13 -19.02
C PRO A 482 -34.27 -12.91 -19.75
N GLU A 483 -33.30 -13.19 -20.61
CA GLU A 483 -32.55 -12.20 -21.34
C GLU A 483 -33.46 -11.26 -22.12
N ASP A 484 -34.46 -11.79 -22.81
N ASP A 484 -34.41 -11.83 -22.87
CA ASP A 484 -35.25 -10.94 -23.71
CA ASP A 484 -35.26 -11.01 -23.76
C ASP A 484 -36.10 -9.94 -22.92
C ASP A 484 -36.02 -9.96 -22.90
N LEU A 485 -36.59 -10.42 -21.78
CA LEU A 485 -37.38 -9.58 -20.88
C LEU A 485 -36.50 -8.48 -20.28
N LYS A 486 -35.33 -8.87 -19.80
CA LYS A 486 -34.44 -7.85 -19.22
C LYS A 486 -34.19 -6.76 -20.26
N GLN A 487 -33.87 -7.18 -21.50
CA GLN A 487 -33.53 -6.15 -22.52
C GLN A 487 -34.76 -5.27 -22.87
N LYS A 488 -35.95 -5.88 -22.82
CA LYS A 488 -37.14 -5.07 -23.09
C LYS A 488 -37.33 -4.02 -22.00
N VAL A 489 -37.17 -4.43 -20.73
CA VAL A 489 -37.28 -3.52 -19.64
C VAL A 489 -36.28 -2.37 -19.77
N LEU A 490 -35.02 -2.73 -20.04
CA LEU A 490 -33.99 -1.69 -20.19
C LEU A 490 -34.33 -0.76 -21.36
N ASP A 491 -34.80 -1.33 -22.47
CA ASP A 491 -35.05 -0.53 -23.66
C ASP A 491 -36.24 0.43 -23.45
N ASN A 492 -37.19 0.04 -22.60
CA ASN A 492 -38.38 0.88 -22.36
C ASN A 492 -38.30 1.72 -21.06
N TRP A 493 -37.18 1.65 -20.33
CA TRP A 493 -37.03 2.25 -19.01
C TRP A 493 -37.33 3.76 -19.00
N THR A 494 -36.65 4.55 -19.83
CA THR A 494 -36.88 5.99 -19.76
C THR A 494 -38.27 6.31 -20.37
N LYS A 495 -38.71 5.57 -21.41
CA LYS A 495 -40.01 5.75 -22.04
C LYS A 495 -41.11 5.61 -21.02
N MET A 496 -41.00 4.62 -20.14
CA MET A 496 -41.98 4.41 -19.12
C MET A 496 -41.98 5.54 -18.09
N GLY A 497 -40.86 6.26 -17.90
CA GLY A 497 -40.76 7.34 -16.87
C GLY A 497 -39.70 7.18 -15.77
N PHE A 498 -38.85 6.14 -15.84
CA PHE A 498 -37.82 5.91 -14.81
C PHE A 498 -36.55 6.66 -15.20
N SER A 499 -35.55 6.67 -14.28
N SER A 499 -35.50 6.57 -14.34
CA SER A 499 -34.31 7.43 -14.48
CA SER A 499 -34.23 7.32 -14.52
C SER A 499 -33.22 6.49 -14.97
C SER A 499 -33.20 6.47 -15.30
N HIS A 503 -24.50 8.56 -16.61
CA HIS A 503 -23.61 8.23 -17.73
C HIS A 503 -22.34 7.54 -17.20
N HIS A 504 -21.80 6.62 -17.99
CA HIS A 504 -20.66 5.85 -17.52
C HIS A 504 -19.51 6.76 -17.04
N HIS A 505 -19.16 7.78 -17.85
CA HIS A 505 -17.92 8.59 -17.58
C HIS A 505 -18.16 9.74 -16.56
N HIS A 506 -19.38 9.89 -16.01
CA HIS A 506 -19.71 10.98 -15.03
MN MN B . 10.90 -6.53 0.03
K K C . 8.36 -4.06 -0.89
K K D . -20.42 -22.07 3.76
N1 JQZ E . 5.46 0.02 8.66
N3 JQZ E . 3.22 2.27 6.80
C4 JQZ E . 4.01 -0.01 6.46
C5 JQZ E . 2.82 2.34 5.46
C6 JQZ E . 2.92 1.21 4.67
C7 JQZ E . 2.29 3.56 4.93
C8 JQZ E . 1.89 3.60 3.58
C10 JQZ E . 2.58 1.32 3.31
C13 JQZ E . 3.30 -1.28 4.48
C15 JQZ E . 2.22 4.67 5.98
C17 JQZ E . 3.63 5.21 6.17
C20 JQZ E . 4.29 -3.15 3.10
C21 JQZ E . 5.43 -3.68 2.27
C22 JQZ E . 1.72 2.01 8.75
C24 JQZ E . 1.94 -0.61 8.56
C26 JQZ E . 2.74 -2.80 9.21
C28 JQZ E . 1.23 -2.61 7.39
C1 JQZ E . 5.43 -1.09 7.91
C2 JQZ E . 4.76 1.20 8.42
N2 JQZ E . 4.70 -1.13 6.79
N4 JQZ E . 3.44 -0.01 5.18
C9 JQZ E . 2.01 2.45 2.79
C11 JQZ E . 1.50 2.41 1.38
C12 JQZ E . 1.35 4.83 2.93
O1 JQZ E . 6.15 -2.03 8.23
C14 JQZ E . 2.51 3.07 7.87
C16 JQZ E . 1.60 4.10 7.26
C18 JQZ E . 1.34 5.91 5.65
O2 JQZ E . 4.93 2.19 9.10
C19 JQZ E . 4.53 -1.82 3.81
O3 JQZ E . 7.83 -3.95 2.06
P1 JQZ E . 8.66 -5.33 2.25
O4 JQZ E . 7.74 -6.43 1.76
O5 JQZ E . 8.99 -5.47 3.70
O6 JQZ E . 9.84 -5.13 1.32
O7 JQZ E . 5.01 -0.87 2.86
O8 JQZ E . 3.91 -4.10 4.09
O9 JQZ E . 5.13 -4.99 1.83
C23 JQZ E . 2.33 0.80 8.32
C25 JQZ E . 2.71 -1.44 9.41
C27 JQZ E . 2.00 -3.39 8.20
C29 JQZ E . 1.19 -1.23 7.58
C30 JQZ E . 0.67 2.39 9.62
O10 JQZ E . 1.05 3.25 10.52
O11 JQZ E . -0.56 2.12 9.34
C31 JQZ E . 6.76 -3.61 2.98
C32 JQZ E . 3.74 1.12 7.42
#